data_8GEZ
#
_entry.id   8GEZ
#
_cell.length_a   176.757
_cell.length_b   176.757
_cell.length_c   176.757
_cell.angle_alpha   90.000
_cell.angle_beta   90.000
_cell.angle_gamma   90.000
#
_symmetry.space_group_name_H-M   'I 2 3'
#
loop_
_entity.id
_entity.type
_entity.pdbx_description
1 polymer 'Lytic transglycosylase domain-containing protein'
2 non-polymer 'methyl (2S)-3-[(2-acetamido-2-deoxy-beta-D-glucopyranosyl)oxy]-2-methylpropanoate'
3 non-polymer 'CITRIC ACID'
4 non-polymer 'DIMETHYL SULFOXIDE'
5 water water
#
_entity_poly.entity_id   1
_entity_poly.type   'polypeptide(L)'
_entity_poly.pdbx_seq_one_letter_code
;MGSSHHHHHHSSGLVPRGSHMQYSIEKLKKEENSLAKDYYIYRLLEKNKISKKDAQDLNSHIFRYIGKIKSELEKIIPLK
PYINPKYAKCYTYTANTILDANLTCQSVRLNSLVFIASLNSKDRTTLAQTFKNQRPDLTNLLLAFNTSDPMSYIVQKEDI
NGFFKLYNYSKKYDLDLNTSLVNKLPNHIGFKDFAQNIIIKKENPKFRHSMLEINPENVSEDSAFYLGVNALTYDKTELA
YDFFKKAAQSFKSQSNKDNAIFWMWLIKNNEEDLKTLSQSSSLNIYSLYAKELTNTPFPKIESLNPSKKKNNFNMQDPFA
WQKINKQIRDANASQLDVLAKEFDTQETLPIYAYILERKNNFKKHYFIMPYYDNIKDYNKTRQALILAIARQESRFIPTA
ISVSYALGMMQFMPFLANHIGEKELKIPNFDQDFMFKPEIAYYFGNYHLNYLESRLKSPLFVAYAYNGGIGFTNRMLARN
DMFKTGKFEPFLSMELVPYQESRIYGKKVLANYIVYRHLLNDSIKISDIFENLIQNKANDLNKS
;
_entity_poly.pdbx_strand_id   A
#
loop_
_chem_comp.id
_chem_comp.type
_chem_comp.name
_chem_comp.formula
CIT non-polymer 'CITRIC ACID' 'C6 H8 O7'
DMS non-polymer 'DIMETHYL SULFOXIDE' 'C2 H6 O S'
ZMB non-polymer 'methyl (2S)-3-[(2-acetamido-2-deoxy-beta-D-glucopyranosyl)oxy]-2-methylpropanoate' 'C13 H23 N O8'
#
# COMPACT_ATOMS: atom_id res chain seq x y z
N TYR A 23 20.69 11.50 -20.93
CA TYR A 23 20.55 10.21 -21.58
C TYR A 23 19.61 10.20 -22.78
N SER A 24 20.16 9.98 -23.98
CA SER A 24 19.34 9.78 -25.18
C SER A 24 18.60 8.45 -25.11
N ILE A 25 17.55 8.33 -25.91
CA ILE A 25 16.79 7.07 -25.91
C ILE A 25 17.68 5.93 -26.39
N GLU A 26 18.65 6.24 -27.24
CA GLU A 26 19.58 5.24 -27.74
C GLU A 26 20.43 4.70 -26.60
N LYS A 27 20.95 5.60 -25.76
CA LYS A 27 21.74 5.21 -24.59
C LYS A 27 20.91 4.38 -23.62
N LEU A 28 19.66 4.81 -23.37
CA LEU A 28 18.82 4.13 -22.40
C LEU A 28 18.51 2.72 -22.85
N LYS A 29 18.31 2.53 -24.15
CA LYS A 29 17.98 1.21 -24.65
C LYS A 29 19.10 0.21 -24.39
N LYS A 30 20.35 0.69 -24.20
CA LYS A 30 21.46 -0.17 -23.78
C LYS A 30 21.36 -0.62 -22.32
N GLU A 31 20.54 0.03 -21.51
CA GLU A 31 20.47 -0.31 -20.10
C GLU A 31 19.47 -1.44 -19.89
N GLU A 32 19.74 -2.25 -18.87
CA GLU A 32 18.77 -3.25 -18.45
C GLU A 32 17.46 -2.59 -18.13
N ASN A 33 16.35 -3.27 -18.42
CA ASN A 33 15.05 -2.77 -18.02
C ASN A 33 14.99 -2.64 -16.50
N SER A 34 14.46 -1.52 -16.03
CA SER A 34 14.36 -1.27 -14.59
C SER A 34 13.51 -0.02 -14.39
N LEU A 35 13.13 0.22 -13.14
CA LEU A 35 12.43 1.44 -12.80
C LEU A 35 13.25 2.69 -13.13
N ALA A 36 14.58 2.60 -13.06
CA ALA A 36 15.38 3.78 -13.39
C ALA A 36 15.33 4.05 -14.88
N LYS A 37 15.38 2.99 -15.69
CA LYS A 37 15.28 3.18 -17.13
C LYS A 37 13.89 3.67 -17.50
N ASP A 38 12.84 3.13 -16.85
CA ASP A 38 11.49 3.65 -17.06
C ASP A 38 11.42 5.14 -16.75
N TYR A 39 11.98 5.53 -15.61
CA TYR A 39 11.95 6.93 -15.18
C TYR A 39 12.54 7.84 -16.25
N TYR A 40 13.72 7.50 -16.76
CA TYR A 40 14.35 8.35 -17.77
C TYR A 40 13.65 8.28 -19.13
N ILE A 41 13.08 7.14 -19.50
CA ILE A 41 12.19 7.13 -20.67
C ILE A 41 11.00 8.06 -20.43
N TYR A 42 10.42 8.00 -19.24
CA TYR A 42 9.30 8.89 -18.95
C TYR A 42 9.72 10.34 -19.04
N ARG A 43 10.94 10.67 -18.60
CA ARG A 43 11.37 12.06 -18.71
C ARG A 43 11.45 12.49 -20.17
N LEU A 44 11.88 11.59 -21.04
CA LEU A 44 11.90 11.95 -22.46
C LEU A 44 10.48 12.16 -22.99
N LEU A 45 9.54 11.30 -22.59
CA LEU A 45 8.17 11.44 -23.07
C LEU A 45 7.56 12.75 -22.64
N GLU A 46 7.76 13.14 -21.37
CA GLU A 46 7.13 14.36 -20.90
C GLU A 46 7.76 15.60 -21.52
N LYS A 47 9.00 15.51 -22.00
CA LYS A 47 9.64 16.59 -22.72
C LYS A 47 9.42 16.49 -24.24
N ASN A 48 8.56 15.56 -24.68
CA ASN A 48 8.18 15.40 -26.08
C ASN A 48 9.37 15.03 -26.95
N LYS A 49 10.31 14.29 -26.39
CA LYS A 49 11.54 13.95 -27.08
C LYS A 49 11.51 12.55 -27.69
N ILE A 50 10.42 11.81 -27.53
CA ILE A 50 10.26 10.48 -28.12
C ILE A 50 9.42 10.63 -29.38
N SER A 51 10.05 10.45 -30.53
CA SER A 51 9.32 10.48 -31.78
C SER A 51 8.44 9.24 -31.95
N LYS A 52 7.44 9.35 -32.85
CA LYS A 52 6.66 8.17 -33.22
C LYS A 52 7.54 7.02 -33.68
N LYS A 53 8.66 7.32 -34.34
CA LYS A 53 9.55 6.25 -34.76
C LYS A 53 10.30 5.65 -33.59
N ASP A 54 10.82 6.50 -32.67
CA ASP A 54 11.44 5.98 -31.45
C ASP A 54 10.48 5.09 -30.68
N ALA A 55 9.18 5.41 -30.73
CA ALA A 55 8.20 4.75 -29.88
C ALA A 55 7.78 3.37 -30.36
N GLN A 56 8.20 2.94 -31.56
CA GLN A 56 7.72 1.66 -32.08
C GLN A 56 8.09 0.50 -31.17
N ASP A 57 9.39 0.29 -30.94
CA ASP A 57 9.82 -0.88 -30.17
C ASP A 57 9.88 -0.61 -28.67
N LEU A 58 9.21 0.43 -28.18
CA LEU A 58 9.60 0.96 -26.89
C LEU A 58 9.02 0.18 -25.72
N ASN A 59 7.84 -0.42 -25.87
CA ASN A 59 7.25 -1.12 -24.72
C ASN A 59 8.03 -2.38 -24.34
N SER A 60 8.87 -2.92 -25.22
CA SER A 60 9.81 -3.96 -24.80
C SER A 60 10.96 -3.41 -23.96
N HIS A 61 11.11 -2.10 -23.89
CA HIS A 61 12.18 -1.47 -23.13
C HIS A 61 11.69 -0.95 -21.79
N ILE A 62 10.43 -1.22 -21.45
CA ILE A 62 9.78 -0.64 -20.28
C ILE A 62 9.59 -1.74 -19.26
N PHE A 63 10.10 -1.51 -18.04
CA PHE A 63 10.10 -2.51 -16.99
C PHE A 63 8.72 -2.66 -16.37
N ARG A 64 8.03 -1.54 -16.12
CA ARG A 64 6.71 -1.61 -15.50
C ARG A 64 5.75 -0.74 -16.31
N TYR A 65 5.03 -1.38 -17.23
CA TYR A 65 4.26 -0.66 -18.24
C TYR A 65 2.88 -0.35 -17.68
N ILE A 66 2.87 0.53 -16.67
CA ILE A 66 1.68 0.85 -15.91
C ILE A 66 1.69 2.33 -15.58
N GLY A 67 0.53 2.96 -15.65
CA GLY A 67 0.41 4.33 -15.19
C GLY A 67 0.87 5.37 -16.20
N LYS A 68 1.57 6.39 -15.71
CA LYS A 68 1.84 7.57 -16.53
C LYS A 68 2.67 7.23 -17.76
N ILE A 69 3.66 6.35 -17.61
CA ILE A 69 4.48 6.03 -18.77
C ILE A 69 3.63 5.35 -19.84
N LYS A 70 2.62 4.58 -19.42
CA LYS A 70 1.80 3.88 -20.40
C LYS A 70 0.85 4.83 -21.09
N SER A 71 0.25 5.78 -20.35
CA SER A 71 -0.62 6.74 -21.02
C SER A 71 0.18 7.72 -21.89
N GLU A 72 1.41 8.05 -21.51
CA GLU A 72 2.23 8.91 -22.36
C GLU A 72 2.64 8.20 -23.63
N LEU A 73 3.06 6.94 -23.52
CA LEU A 73 3.45 6.21 -24.72
C LEU A 73 2.26 6.05 -25.66
N GLU A 74 1.06 5.88 -25.09
CA GLU A 74 -0.11 5.59 -25.90
C GLU A 74 -0.68 6.83 -26.55
N LYS A 75 -0.32 8.03 -26.08
CA LYS A 75 -0.62 9.23 -26.85
C LYS A 75 0.15 9.24 -28.16
N ILE A 76 1.34 8.64 -28.19
CA ILE A 76 2.13 8.55 -29.41
C ILE A 76 1.68 7.37 -30.28
N ILE A 77 1.47 6.21 -29.67
CA ILE A 77 1.07 5.01 -30.40
C ILE A 77 -0.05 4.35 -29.61
N PRO A 78 -1.32 4.61 -29.92
CA PRO A 78 -2.39 3.90 -29.22
C PRO A 78 -2.21 2.41 -29.37
N LEU A 79 -2.67 1.65 -28.37
CA LEU A 79 -2.69 0.20 -28.49
C LEU A 79 -4.07 -0.25 -28.92
N LYS A 80 -4.13 -0.93 -30.08
CA LYS A 80 -5.34 -1.65 -30.45
C LYS A 80 -5.60 -2.84 -29.52
N PRO A 81 -4.58 -3.68 -29.16
CA PRO A 81 -4.81 -4.83 -28.27
C PRO A 81 -5.79 -4.63 -27.12
N TYR A 82 -6.36 -5.73 -26.62
CA TYR A 82 -6.15 -7.08 -27.13
C TYR A 82 -7.43 -7.87 -27.07
N ILE A 83 -7.73 -8.56 -28.18
CA ILE A 83 -8.83 -9.51 -28.23
C ILE A 83 -8.25 -10.85 -28.67
N ASN A 84 -8.41 -11.86 -27.83
CA ASN A 84 -8.00 -13.22 -28.14
C ASN A 84 -8.56 -13.64 -29.50
N PRO A 85 -7.69 -13.92 -30.49
CA PRO A 85 -8.18 -14.24 -31.84
C PRO A 85 -9.17 -15.39 -31.88
N LYS A 86 -9.16 -16.25 -30.87
CA LYS A 86 -10.13 -17.35 -30.79
C LYS A 86 -11.57 -16.83 -30.68
N TYR A 87 -11.75 -15.68 -30.02
CA TYR A 87 -13.07 -15.10 -29.76
C TYR A 87 -13.35 -13.82 -30.55
N ALA A 88 -12.51 -13.47 -31.53
CA ALA A 88 -12.66 -12.19 -32.21
C ALA A 88 -14.07 -12.01 -32.76
N LYS A 89 -14.63 -13.06 -33.37
CA LYS A 89 -15.93 -12.92 -33.99
C LYS A 89 -17.02 -12.70 -32.95
N CYS A 90 -16.80 -13.13 -31.71
CA CYS A 90 -17.78 -12.91 -30.64
C CYS A 90 -17.99 -11.43 -30.38
N TYR A 91 -16.97 -10.59 -30.60
CA TYR A 91 -17.12 -9.18 -30.31
C TYR A 91 -17.62 -8.37 -31.50
N THR A 92 -18.04 -9.04 -32.58
CA THR A 92 -18.76 -8.35 -33.63
C THR A 92 -20.26 -8.28 -33.39
N TYR A 93 -20.78 -8.97 -32.37
CA TYR A 93 -22.19 -8.88 -32.03
C TYR A 93 -22.41 -7.75 -31.04
N THR A 94 -23.63 -7.24 -31.02
CA THR A 94 -24.04 -6.29 -30.01
C THR A 94 -25.23 -6.85 -29.25
N ALA A 95 -25.73 -6.08 -28.28
CA ALA A 95 -26.93 -6.47 -27.56
C ALA A 95 -28.09 -6.75 -28.51
N ASN A 96 -28.09 -6.13 -29.69
CA ASN A 96 -29.18 -6.30 -30.65
C ASN A 96 -29.04 -7.56 -31.49
N THR A 97 -27.85 -8.15 -31.59
CA THR A 97 -27.65 -9.30 -32.46
C THR A 97 -27.15 -10.53 -31.72
N ILE A 98 -27.13 -10.49 -30.39
CA ILE A 98 -26.47 -11.58 -29.65
C ILE A 98 -27.21 -12.89 -29.84
N LEU A 99 -28.52 -12.85 -30.11
CA LEU A 99 -29.23 -14.10 -30.35
C LEU A 99 -28.85 -14.75 -31.68
N ASP A 100 -28.14 -14.03 -32.55
CA ASP A 100 -27.57 -14.60 -33.76
C ASP A 100 -26.25 -15.28 -33.52
N ALA A 101 -25.64 -15.07 -32.36
CA ALA A 101 -24.31 -15.61 -32.12
C ALA A 101 -24.41 -17.08 -31.74
N ASN A 102 -23.40 -17.83 -32.11
CA ASN A 102 -23.30 -19.21 -31.66
C ASN A 102 -23.14 -19.24 -30.14
N LEU A 103 -23.30 -20.43 -29.58
CA LEU A 103 -23.43 -20.57 -28.14
C LEU A 103 -22.15 -20.19 -27.42
N THR A 104 -20.99 -20.48 -28.00
CA THR A 104 -19.74 -20.07 -27.36
C THR A 104 -19.64 -18.55 -27.28
N CYS A 105 -19.97 -17.87 -28.37
CA CYS A 105 -19.91 -16.40 -28.35
C CYS A 105 -20.93 -15.82 -27.36
N GLN A 106 -22.13 -16.42 -27.28
CA GLN A 106 -23.10 -15.93 -26.31
C GLN A 106 -22.55 -16.00 -24.90
N SER A 107 -21.91 -17.11 -24.54
CA SER A 107 -21.45 -17.22 -23.16
C SER A 107 -20.24 -16.31 -22.89
N VAL A 108 -19.37 -16.12 -23.89
CA VAL A 108 -18.23 -15.22 -23.69
C VAL A 108 -18.70 -13.78 -23.44
N ARG A 109 -19.67 -13.30 -24.24
CA ARG A 109 -20.14 -11.93 -24.07
C ARG A 109 -20.88 -11.75 -22.74
N LEU A 110 -21.48 -12.82 -22.22
CA LEU A 110 -22.20 -12.76 -20.95
C LEU A 110 -21.27 -12.75 -19.74
N ASN A 111 -19.95 -12.80 -19.96
CA ASN A 111 -19.00 -12.54 -18.90
C ASN A 111 -19.07 -11.10 -18.39
N SER A 112 -19.68 -10.19 -19.16
CA SER A 112 -19.74 -8.78 -18.82
C SER A 112 -21.11 -8.42 -18.27
N LEU A 113 -21.16 -7.93 -17.02
CA LEU A 113 -22.45 -7.56 -16.46
C LEU A 113 -23.02 -6.30 -17.11
N VAL A 114 -22.16 -5.40 -17.56
CA VAL A 114 -22.64 -4.27 -18.35
C VAL A 114 -23.33 -4.78 -19.63
N PHE A 115 -22.74 -5.76 -20.28
CA PHE A 115 -23.39 -6.34 -21.46
C PHE A 115 -24.76 -6.90 -21.09
N ILE A 116 -24.81 -7.71 -20.02
CA ILE A 116 -26.09 -8.23 -19.53
C ILE A 116 -27.07 -7.10 -19.25
N ALA A 117 -26.62 -6.05 -18.55
CA ALA A 117 -27.50 -4.93 -18.24
C ALA A 117 -28.06 -4.27 -19.51
N SER A 118 -27.29 -4.29 -20.60
CA SER A 118 -27.72 -3.63 -21.83
C SER A 118 -28.73 -4.46 -22.61
N LEU A 119 -28.87 -5.75 -22.32
CA LEU A 119 -29.79 -6.59 -23.09
C LEU A 119 -31.22 -6.20 -22.77
N ASN A 120 -32.12 -6.45 -23.71
CA ASN A 120 -33.49 -6.24 -23.31
C ASN A 120 -34.00 -7.48 -22.55
N SER A 121 -35.06 -7.27 -21.78
CA SER A 121 -35.45 -8.29 -20.80
C SER A 121 -35.91 -9.58 -21.50
N LYS A 122 -36.60 -9.46 -22.63
CA LYS A 122 -37.04 -10.65 -23.36
C LYS A 122 -35.84 -11.52 -23.74
N ASP A 123 -34.74 -10.90 -24.17
CA ASP A 123 -33.57 -11.69 -24.54
C ASP A 123 -32.87 -12.25 -23.31
N ARG A 124 -32.96 -11.56 -22.17
CA ARG A 124 -32.37 -12.13 -20.95
C ARG A 124 -33.12 -13.39 -20.53
N THR A 125 -34.44 -13.40 -20.72
CA THR A 125 -35.22 -14.61 -20.43
C THR A 125 -34.84 -15.77 -21.36
N THR A 126 -34.76 -15.50 -22.66
CA THR A 126 -34.35 -16.51 -23.63
C THR A 126 -32.98 -17.09 -23.28
N LEU A 127 -31.99 -16.22 -23.10
CA LEU A 127 -30.65 -16.66 -22.76
C LEU A 127 -30.61 -17.40 -21.43
N ALA A 128 -31.44 -17.01 -20.47
CA ALA A 128 -31.47 -17.69 -19.18
C ALA A 128 -31.91 -19.15 -19.31
N GLN A 129 -32.95 -19.40 -20.11
CA GLN A 129 -33.33 -20.79 -20.40
C GLN A 129 -32.21 -21.53 -21.09
N THR A 130 -31.65 -20.94 -22.15
CA THR A 130 -30.56 -21.57 -22.88
C THR A 130 -29.47 -22.08 -21.95
N PHE A 131 -29.13 -21.30 -20.92
CA PHE A 131 -27.96 -21.58 -20.11
C PHE A 131 -28.29 -22.19 -18.74
N LYS A 132 -29.56 -22.49 -18.45
CA LYS A 132 -29.89 -22.95 -17.09
C LYS A 132 -29.19 -24.25 -16.73
N ASN A 133 -29.04 -25.16 -17.69
CA ASN A 133 -28.41 -26.44 -17.38
C ASN A 133 -26.90 -26.28 -17.18
N GLN A 134 -26.20 -25.79 -18.19
CA GLN A 134 -24.74 -25.83 -18.15
C GLN A 134 -24.11 -24.63 -17.45
N ARG A 135 -24.79 -23.48 -17.39
CA ARG A 135 -24.22 -22.26 -16.82
C ARG A 135 -25.28 -21.56 -15.97
N PRO A 136 -25.71 -22.18 -14.87
CA PRO A 136 -26.70 -21.51 -14.00
C PRO A 136 -26.19 -20.22 -13.39
N ASP A 137 -24.87 -20.03 -13.30
CA ASP A 137 -24.36 -18.72 -12.90
C ASP A 137 -24.81 -17.63 -13.87
N LEU A 138 -24.79 -17.91 -15.16
CA LEU A 138 -25.27 -16.95 -16.14
C LEU A 138 -26.76 -16.75 -16.02
N THR A 139 -27.51 -17.87 -15.92
CA THR A 139 -28.95 -17.79 -15.73
C THR A 139 -29.32 -16.90 -14.55
N ASN A 140 -28.62 -17.07 -13.42
CA ASN A 140 -28.93 -16.26 -12.25
C ASN A 140 -28.74 -14.78 -12.53
N LEU A 141 -27.64 -14.42 -13.19
CA LEU A 141 -27.36 -13.00 -13.44
C LEU A 141 -28.35 -12.42 -14.44
N LEU A 142 -28.69 -13.19 -15.48
CA LEU A 142 -29.65 -12.73 -16.47
C LEU A 142 -31.02 -12.48 -15.84
N LEU A 143 -31.51 -13.45 -15.07
CA LEU A 143 -32.81 -13.21 -14.47
C LEU A 143 -32.72 -12.14 -13.39
N ALA A 144 -31.55 -11.99 -12.74
CA ALA A 144 -31.40 -10.94 -11.73
C ALA A 144 -31.57 -9.57 -12.36
N PHE A 145 -31.00 -9.36 -13.54
CA PHE A 145 -31.13 -8.07 -14.20
C PHE A 145 -32.50 -7.84 -14.80
N ASN A 146 -33.36 -8.87 -14.84
CA ASN A 146 -34.76 -8.61 -15.16
C ASN A 146 -35.56 -8.09 -13.95
N THR A 147 -34.94 -7.93 -12.78
CA THR A 147 -35.64 -7.36 -11.64
C THR A 147 -35.13 -5.96 -11.38
N SER A 148 -35.86 -5.23 -10.53
CA SER A 148 -35.40 -3.91 -10.17
C SER A 148 -34.24 -3.93 -9.19
N ASP A 149 -33.84 -5.09 -8.63
CA ASP A 149 -32.68 -5.13 -7.74
C ASP A 149 -31.93 -6.43 -7.95
N PRO A 150 -30.96 -6.45 -8.87
CA PRO A 150 -30.23 -7.70 -9.14
C PRO A 150 -29.54 -8.28 -7.90
N MET A 151 -29.06 -7.42 -6.98
CA MET A 151 -28.40 -7.90 -5.77
C MET A 151 -29.33 -8.79 -4.95
N SER A 152 -30.57 -8.33 -4.77
CA SER A 152 -31.54 -9.05 -3.97
C SER A 152 -31.81 -10.42 -4.56
N TYR A 153 -31.91 -10.50 -5.88
CA TYR A 153 -32.11 -11.78 -6.55
C TYR A 153 -30.91 -12.71 -6.34
N ILE A 154 -29.70 -12.20 -6.54
CA ILE A 154 -28.51 -13.02 -6.39
C ILE A 154 -28.32 -13.43 -4.93
N VAL A 155 -28.67 -12.56 -4.00
CA VAL A 155 -28.52 -12.87 -2.58
C VAL A 155 -29.51 -13.97 -2.18
N GLN A 156 -30.73 -13.92 -2.70
CA GLN A 156 -31.71 -14.96 -2.42
C GLN A 156 -31.27 -16.30 -3.00
N LYS A 157 -30.57 -16.31 -4.14
CA LYS A 157 -29.99 -17.55 -4.65
C LYS A 157 -28.74 -17.98 -3.88
N GLU A 158 -28.17 -17.11 -3.05
CA GLU A 158 -26.88 -17.39 -2.39
C GLU A 158 -25.83 -17.80 -3.41
N ASP A 159 -25.84 -17.10 -4.55
CA ASP A 159 -24.88 -17.32 -5.62
C ASP A 159 -23.66 -16.46 -5.31
N ILE A 160 -22.60 -17.09 -4.78
CA ILE A 160 -21.47 -16.33 -4.25
C ILE A 160 -20.67 -15.68 -5.38
N ASN A 161 -20.39 -16.41 -6.45
CA ASN A 161 -19.66 -15.81 -7.57
C ASN A 161 -20.44 -14.63 -8.15
N GLY A 162 -21.76 -14.78 -8.26
CA GLY A 162 -22.59 -13.70 -8.77
C GLY A 162 -22.59 -12.50 -7.84
N PHE A 163 -22.56 -12.75 -6.52
CA PHE A 163 -22.51 -11.66 -5.56
C PHE A 163 -21.30 -10.77 -5.81
N PHE A 164 -20.12 -11.38 -5.93
CA PHE A 164 -18.92 -10.58 -6.12
C PHE A 164 -18.87 -9.94 -7.51
N LYS A 165 -19.46 -10.59 -8.53
CA LYS A 165 -19.51 -9.95 -9.85
C LYS A 165 -20.38 -8.71 -9.80
N LEU A 166 -21.49 -8.79 -9.08
CA LEU A 166 -22.38 -7.65 -8.94
C LEU A 166 -21.72 -6.54 -8.15
N TYR A 167 -21.04 -6.90 -7.05
CA TYR A 167 -20.32 -5.89 -6.28
C TYR A 167 -19.24 -5.21 -7.12
N ASN A 168 -18.50 -5.97 -7.92
CA ASN A 168 -17.49 -5.38 -8.80
C ASN A 168 -18.15 -4.46 -9.84
N TYR A 169 -19.33 -4.84 -10.32
CA TYR A 169 -20.10 -4.03 -11.28
C TYR A 169 -20.60 -2.74 -10.64
N SER A 170 -21.10 -2.80 -9.42
CA SER A 170 -21.57 -1.58 -8.77
C SER A 170 -21.49 -1.71 -7.26
N LYS A 171 -20.70 -0.84 -6.62
CA LYS A 171 -20.62 -0.71 -5.16
C LYS A 171 -21.89 -0.16 -4.55
N LYS A 172 -22.88 0.27 -5.36
CA LYS A 172 -24.04 0.92 -4.78
C LYS A 172 -25.04 -0.08 -4.20
N TYR A 173 -25.06 -1.32 -4.69
CA TYR A 173 -25.94 -2.31 -4.10
C TYR A 173 -25.61 -2.48 -2.63
N ASP A 174 -26.65 -2.55 -1.80
CA ASP A 174 -26.46 -2.80 -0.37
C ASP A 174 -27.72 -3.46 0.17
N LEU A 175 -27.53 -4.52 0.96
CA LEU A 175 -28.67 -5.30 1.41
C LEU A 175 -28.21 -6.10 2.61
N ASP A 176 -29.12 -6.38 3.54
CA ASP A 176 -28.78 -7.28 4.63
C ASP A 176 -28.58 -8.71 4.12
N LEU A 177 -27.61 -9.40 4.71
CA LEU A 177 -27.22 -10.74 4.28
C LEU A 177 -27.37 -11.65 5.49
N ASN A 178 -27.98 -12.82 5.33
CA ASN A 178 -28.26 -13.61 6.53
C ASN A 178 -27.00 -14.39 6.95
N THR A 179 -27.11 -15.13 8.04
CA THR A 179 -25.92 -15.76 8.60
C THR A 179 -25.33 -16.78 7.63
N SER A 180 -26.19 -17.58 7.00
CA SER A 180 -25.71 -18.58 6.06
C SER A 180 -24.91 -17.93 4.93
N LEU A 181 -25.46 -16.86 4.34
CA LEU A 181 -24.81 -16.22 3.20
C LEU A 181 -23.48 -15.58 3.59
N VAL A 182 -23.45 -14.79 4.66
CA VAL A 182 -22.21 -14.05 4.94
C VAL A 182 -21.10 -15.03 5.28
N ASN A 183 -21.43 -16.19 5.84
CA ASN A 183 -20.40 -17.16 6.13
C ASN A 183 -19.90 -17.89 4.90
N LYS A 184 -20.60 -17.79 3.77
CA LYS A 184 -20.05 -18.32 2.53
C LYS A 184 -19.10 -17.33 1.85
N LEU A 185 -19.27 -16.04 2.10
CA LEU A 185 -18.47 -15.05 1.37
C LEU A 185 -16.96 -15.21 1.56
N PRO A 186 -16.44 -15.53 2.76
CA PRO A 186 -14.98 -15.50 2.93
C PRO A 186 -14.21 -16.51 2.08
N ASN A 187 -14.87 -17.56 1.56
CA ASN A 187 -14.18 -18.53 0.71
C ASN A 187 -13.85 -18.01 -0.69
N HIS A 188 -14.30 -16.83 -1.06
CA HIS A 188 -14.12 -16.29 -2.39
C HIS A 188 -12.93 -15.33 -2.36
N ILE A 189 -12.10 -15.36 -3.41
CA ILE A 189 -10.88 -14.54 -3.39
C ILE A 189 -11.19 -13.05 -3.24
N GLY A 190 -12.38 -12.61 -3.66
CA GLY A 190 -12.74 -11.22 -3.57
C GLY A 190 -13.07 -10.73 -2.19
N PHE A 191 -13.21 -11.64 -1.21
CA PHE A 191 -13.74 -11.24 0.07
C PHE A 191 -12.83 -10.23 0.80
N LYS A 192 -11.51 -10.48 0.82
CA LYS A 192 -10.65 -9.63 1.65
C LYS A 192 -10.74 -8.17 1.22
N ASP A 193 -10.63 -7.91 -0.09
CA ASP A 193 -10.71 -6.53 -0.59
C ASP A 193 -12.12 -5.95 -0.40
N PHE A 194 -13.15 -6.77 -0.61
CA PHE A 194 -14.53 -6.36 -0.32
C PHE A 194 -14.69 -5.90 1.12
N ALA A 195 -14.28 -6.75 2.07
CA ALA A 195 -14.43 -6.39 3.47
C ALA A 195 -13.58 -5.18 3.81
N GLN A 196 -12.33 -5.17 3.36
CA GLN A 196 -11.47 -4.04 3.66
C GLN A 196 -12.09 -2.73 3.16
N ASN A 197 -12.55 -2.72 1.91
CA ASN A 197 -13.03 -1.49 1.31
C ASN A 197 -14.28 -0.97 2.01
N ILE A 198 -15.30 -1.81 2.19
CA ILE A 198 -16.52 -1.27 2.79
C ILE A 198 -16.30 -0.88 4.25
N ILE A 199 -15.40 -1.58 4.97
CA ILE A 199 -15.17 -1.22 6.38
C ILE A 199 -14.38 0.09 6.49
N ILE A 200 -13.26 0.21 5.79
CA ILE A 200 -12.53 1.47 6.02
C ILE A 200 -13.16 2.63 5.25
N LYS A 201 -13.94 2.38 4.19
CA LYS A 201 -14.65 3.49 3.55
C LYS A 201 -15.94 3.86 4.29
N LYS A 202 -16.36 3.07 5.27
CA LYS A 202 -17.70 3.15 5.88
C LYS A 202 -18.78 3.26 4.81
N GLU A 203 -18.76 2.30 3.90
CA GLU A 203 -19.79 2.17 2.87
C GLU A 203 -20.60 0.90 3.09
N ASN A 204 -21.69 0.77 2.34
CA ASN A 204 -22.53 -0.42 2.37
C ASN A 204 -22.84 -0.81 3.80
N PRO A 205 -23.62 -0.02 4.53
CA PRO A 205 -23.87 -0.33 5.95
C PRO A 205 -24.62 -1.63 6.19
N LYS A 206 -25.50 -2.04 5.28
CA LYS A 206 -26.19 -3.31 5.51
C LYS A 206 -25.21 -4.47 5.37
N PHE A 207 -24.34 -4.41 4.36
CA PHE A 207 -23.28 -5.41 4.26
C PHE A 207 -22.42 -5.41 5.53
N ARG A 208 -21.98 -4.22 5.96
CA ARG A 208 -21.12 -4.14 7.15
C ARG A 208 -21.79 -4.76 8.36
N HIS A 209 -23.03 -4.36 8.63
CA HIS A 209 -23.71 -4.91 9.78
C HIS A 209 -23.87 -6.42 9.66
N SER A 210 -24.13 -6.91 8.45
CA SER A 210 -24.33 -8.35 8.27
C SER A 210 -23.07 -9.12 8.62
N MET A 211 -21.92 -8.48 8.45
CA MET A 211 -20.64 -9.16 8.55
C MET A 211 -20.27 -9.38 10.02
N LEU A 212 -21.04 -8.81 10.95
CA LEU A 212 -20.96 -9.14 12.36
C LEU A 212 -21.24 -10.63 12.63
N GLU A 213 -21.99 -11.31 11.76
CA GLU A 213 -22.36 -12.70 11.99
C GLU A 213 -21.41 -13.69 11.32
N ILE A 214 -20.30 -13.24 10.74
CA ILE A 214 -19.33 -14.17 10.22
C ILE A 214 -18.66 -14.89 11.39
N ASN A 215 -18.63 -16.23 11.32
CA ASN A 215 -17.97 -17.04 12.34
C ASN A 215 -16.48 -16.80 12.23
N PRO A 216 -15.80 -16.45 13.32
CA PRO A 216 -14.33 -16.28 13.23
C PRO A 216 -13.63 -17.51 12.68
N GLU A 217 -14.22 -18.70 12.89
CA GLU A 217 -13.63 -19.90 12.31
C GLU A 217 -13.52 -19.83 10.79
N ASN A 218 -14.35 -19.00 10.14
CA ASN A 218 -14.36 -19.01 8.67
C ASN A 218 -13.44 -17.97 8.03
N VAL A 219 -12.73 -17.15 8.82
CA VAL A 219 -11.88 -16.10 8.28
C VAL A 219 -10.51 -16.20 8.93
N SER A 220 -9.53 -15.51 8.33
CA SER A 220 -8.19 -15.51 8.90
C SER A 220 -7.46 -14.28 8.42
N GLU A 221 -6.28 -14.05 9.00
CA GLU A 221 -5.30 -13.05 8.56
C GLU A 221 -5.97 -11.68 8.43
N ASP A 222 -5.75 -10.95 7.34
CA ASP A 222 -6.25 -9.58 7.21
C ASP A 222 -7.77 -9.51 7.34
N SER A 223 -8.48 -10.46 6.74
CA SER A 223 -9.94 -10.45 6.77
C SER A 223 -10.46 -10.53 8.19
N ALA A 224 -9.96 -11.50 8.96
CA ALA A 224 -10.32 -11.57 10.38
C ALA A 224 -10.06 -10.24 11.09
N PHE A 225 -8.90 -9.63 10.82
CA PHE A 225 -8.55 -8.38 11.49
C PHE A 225 -9.55 -7.28 11.16
N TYR A 226 -9.86 -7.07 9.86
CA TYR A 226 -10.83 -6.05 9.50
C TYR A 226 -12.21 -6.35 10.07
N LEU A 227 -12.59 -7.63 10.17
CA LEU A 227 -13.86 -7.95 10.79
C LEU A 227 -13.85 -7.62 12.28
N GLY A 228 -12.69 -7.74 12.94
CA GLY A 228 -12.59 -7.21 14.30
C GLY A 228 -12.81 -5.71 14.36
N VAL A 229 -12.17 -4.98 13.45
CA VAL A 229 -12.38 -3.52 13.37
C VAL A 229 -13.85 -3.22 13.14
N ASN A 230 -14.47 -3.94 12.20
CA ASN A 230 -15.90 -3.77 11.94
C ASN A 230 -16.70 -3.95 13.24
N ALA A 231 -16.42 -5.03 13.97
CA ALA A 231 -17.17 -5.30 15.18
C ALA A 231 -16.99 -4.18 16.21
N LEU A 232 -15.78 -3.62 16.29
CA LEU A 232 -15.59 -2.50 17.22
C LEU A 232 -16.48 -1.31 16.86
N THR A 233 -16.66 -1.03 15.56
CA THR A 233 -17.45 0.14 15.20
C THR A 233 -18.92 -0.01 15.59
N TYR A 234 -19.39 -1.24 15.79
CA TYR A 234 -20.74 -1.54 16.26
C TYR A 234 -20.76 -1.82 17.75
N ASP A 235 -19.64 -1.57 18.44
CA ASP A 235 -19.46 -1.85 19.87
C ASP A 235 -19.81 -3.31 20.23
N LYS A 236 -19.46 -4.23 19.35
CA LYS A 236 -19.58 -5.65 19.64
C LYS A 236 -18.20 -6.17 20.07
N THR A 237 -17.81 -5.82 21.29
CA THR A 237 -16.43 -6.03 21.71
C THR A 237 -16.07 -7.51 21.89
N GLU A 238 -17.02 -8.35 22.34
CA GLU A 238 -16.75 -9.79 22.40
C GLU A 238 -16.50 -10.36 21.00
N LEU A 239 -17.36 -10.03 20.03
CA LEU A 239 -17.11 -10.50 18.67
C LEU A 239 -15.79 -9.94 18.14
N ALA A 240 -15.48 -8.69 18.45
CA ALA A 240 -14.23 -8.11 17.98
C ALA A 240 -13.04 -8.87 18.54
N TYR A 241 -13.05 -9.13 19.85
CA TYR A 241 -11.99 -9.94 20.45
C TYR A 241 -11.82 -11.27 19.71
N ASP A 242 -12.91 -11.99 19.45
CA ASP A 242 -12.78 -13.29 18.78
C ASP A 242 -12.16 -13.14 17.39
N PHE A 243 -12.55 -12.10 16.64
CA PHE A 243 -11.93 -11.89 15.34
C PHE A 243 -10.45 -11.58 15.47
N PHE A 244 -10.11 -10.66 16.38
CA PHE A 244 -8.70 -10.27 16.51
C PHE A 244 -7.86 -11.45 16.98
N LYS A 245 -8.41 -12.30 17.86
CA LYS A 245 -7.68 -13.48 18.29
C LYS A 245 -7.40 -14.40 17.13
N LYS A 246 -8.40 -14.59 16.23
CA LYS A 246 -8.17 -15.43 15.07
C LYS A 246 -7.13 -14.81 14.14
N ALA A 247 -7.16 -13.48 13.97
CA ALA A 247 -6.13 -12.83 13.18
C ALA A 247 -4.75 -13.04 13.79
N ALA A 248 -4.63 -12.89 15.11
CA ALA A 248 -3.33 -13.07 15.76
C ALA A 248 -2.80 -14.49 15.54
N GLN A 249 -3.69 -15.47 15.52
CA GLN A 249 -3.29 -16.86 15.36
C GLN A 249 -2.89 -17.21 13.94
N SER A 250 -3.33 -16.45 12.95
CA SER A 250 -3.12 -16.81 11.55
C SER A 250 -2.21 -15.87 10.78
N PHE A 251 -2.00 -14.64 11.28
CA PHE A 251 -1.18 -13.68 10.55
C PHE A 251 0.20 -14.27 10.28
N LYS A 252 0.71 -14.05 9.06
CA LYS A 252 2.05 -14.53 8.73
C LYS A 252 3.13 -13.64 9.37
N SER A 253 2.93 -12.34 9.38
CA SER A 253 3.99 -11.44 9.82
C SER A 253 3.82 -11.09 11.30
N GLN A 254 4.93 -11.07 12.03
CA GLN A 254 4.87 -10.78 13.45
C GLN A 254 4.31 -9.38 13.72
N SER A 255 4.64 -8.42 12.85
CA SER A 255 4.13 -7.07 13.03
C SER A 255 2.60 -7.06 13.01
N ASN A 256 1.98 -7.76 12.06
CA ASN A 256 0.52 -7.79 12.04
C ASN A 256 -0.02 -8.58 13.22
N LYS A 257 0.63 -9.69 13.56
CA LYS A 257 0.23 -10.43 14.75
C LYS A 257 0.20 -9.52 15.98
N ASP A 258 1.25 -8.70 16.13
CA ASP A 258 1.30 -7.76 17.27
C ASP A 258 0.13 -6.79 17.24
N ASN A 259 -0.21 -6.27 16.05
CA ASN A 259 -1.34 -5.36 15.93
C ASN A 259 -2.62 -6.02 16.43
N ALA A 260 -2.81 -7.30 16.11
CA ALA A 260 -4.01 -8.02 16.54
C ALA A 260 -3.98 -8.32 18.03
N ILE A 261 -2.83 -8.75 18.56
CA ILE A 261 -2.72 -8.97 20.01
C ILE A 261 -2.94 -7.67 20.77
N PHE A 262 -2.47 -6.55 20.23
CA PHE A 262 -2.76 -5.29 20.89
C PHE A 262 -4.25 -5.07 21.05
N TRP A 263 -5.04 -5.41 20.02
CA TRP A 263 -6.48 -5.23 20.15
C TRP A 263 -7.09 -6.21 21.13
N MET A 264 -6.64 -7.49 21.13
CA MET A 264 -7.10 -8.41 22.16
C MET A 264 -6.89 -7.82 23.54
N TRP A 265 -5.70 -7.25 23.77
CA TRP A 265 -5.40 -6.66 25.08
C TRP A 265 -6.30 -5.46 25.37
N LEU A 266 -6.40 -4.52 24.41
CA LEU A 266 -7.21 -3.32 24.65
C LEU A 266 -8.67 -3.67 24.98
N ILE A 267 -9.17 -4.79 24.45
CA ILE A 267 -10.57 -5.13 24.64
C ILE A 267 -10.78 -5.89 25.95
N LYS A 268 -10.00 -6.96 26.18
CA LYS A 268 -10.27 -7.83 27.33
C LYS A 268 -9.25 -7.68 28.45
N ASN A 269 -8.14 -6.98 28.22
CA ASN A 269 -7.17 -6.65 29.26
C ASN A 269 -6.55 -7.89 29.90
N ASN A 270 -6.37 -8.97 29.16
CA ASN A 270 -5.67 -10.12 29.69
C ASN A 270 -4.19 -9.76 29.75
N GLU A 271 -3.61 -9.78 30.95
CA GLU A 271 -2.22 -9.30 30.99
C GLU A 271 -1.25 -10.27 30.33
N GLU A 272 -1.66 -11.53 30.08
CA GLU A 272 -0.78 -12.40 29.32
C GLU A 272 -0.62 -11.93 27.86
N ASP A 273 -1.67 -11.32 27.29
CA ASP A 273 -1.57 -10.80 25.92
C ASP A 273 -0.60 -9.65 25.86
N LEU A 274 -0.72 -8.71 26.81
CA LEU A 274 0.21 -7.59 26.83
C LEU A 274 1.63 -8.07 27.05
N LYS A 275 1.81 -9.09 27.90
CA LYS A 275 3.15 -9.62 28.10
C LYS A 275 3.72 -10.16 26.80
N THR A 276 2.94 -10.99 26.10
CA THR A 276 3.37 -11.50 24.80
C THR A 276 3.70 -10.38 23.83
N LEU A 277 2.87 -9.34 23.79
CA LEU A 277 3.16 -8.21 22.92
C LEU A 277 4.49 -7.56 23.29
N SER A 278 4.76 -7.37 24.61
CA SER A 278 5.98 -6.68 25.00
C SER A 278 7.23 -7.47 24.67
N GLN A 279 7.12 -8.77 24.48
CA GLN A 279 8.28 -9.60 24.20
C GLN A 279 8.45 -9.87 22.73
N SER A 280 7.69 -9.17 21.87
CA SER A 280 7.75 -9.41 20.44
C SER A 280 9.14 -9.13 19.86
N SER A 281 9.53 -9.95 18.89
CA SER A 281 10.72 -9.67 18.10
C SER A 281 10.50 -8.57 17.06
N SER A 282 9.27 -8.21 16.77
CA SER A 282 9.02 -7.14 15.82
C SER A 282 9.01 -5.81 16.56
N LEU A 283 9.74 -4.84 16.03
CA LEU A 283 9.70 -3.49 16.55
C LEU A 283 8.64 -2.72 15.77
N ASN A 284 7.53 -2.41 16.44
CA ASN A 284 6.43 -1.66 15.86
C ASN A 284 5.78 -0.86 16.99
N ILE A 285 4.82 0.01 16.67
CA ILE A 285 4.26 0.87 17.70
C ILE A 285 3.57 0.07 18.79
N TYR A 286 3.05 -1.14 18.48
CA TYR A 286 2.32 -1.90 19.48
C TYR A 286 3.27 -2.58 20.46
N SER A 287 4.32 -3.21 19.94
CA SER A 287 5.32 -3.79 20.84
C SER A 287 6.04 -2.70 21.62
N LEU A 288 6.32 -1.56 20.98
CA LEU A 288 6.94 -0.45 21.72
C LEU A 288 6.05 0.02 22.86
N TYR A 289 4.75 0.18 22.59
CA TYR A 289 3.79 0.61 23.60
C TYR A 289 3.68 -0.40 24.73
N ALA A 290 3.62 -1.70 24.39
CA ALA A 290 3.52 -2.74 25.42
C ALA A 290 4.75 -2.74 26.31
N LYS A 291 5.93 -2.53 25.72
CA LYS A 291 7.16 -2.48 26.50
C LYS A 291 7.12 -1.32 27.48
N GLU A 292 6.71 -0.15 26.98
CA GLU A 292 6.51 1.01 27.84
C GLU A 292 5.51 0.75 28.97
N LEU A 293 4.39 0.09 28.69
CA LEU A 293 3.39 -0.12 29.74
C LEU A 293 3.85 -1.10 30.80
N THR A 294 4.81 -1.96 30.48
CA THR A 294 5.24 -3.02 31.39
C THR A 294 6.64 -2.76 31.93
N ASN A 295 7.15 -1.54 31.77
CA ASN A 295 8.51 -1.20 32.23
C ASN A 295 9.58 -2.13 31.66
N THR A 296 9.39 -2.56 30.40
CA THR A 296 10.36 -3.39 29.69
C THR A 296 11.38 -2.51 28.96
N PRO A 297 12.67 -2.86 29.02
CA PRO A 297 13.69 -2.03 28.36
C PRO A 297 13.43 -1.86 26.87
N PHE A 298 13.85 -0.70 26.37
CA PHE A 298 13.74 -0.41 24.96
C PHE A 298 14.48 -1.47 24.14
N PRO A 299 13.96 -1.88 22.98
CA PRO A 299 14.61 -2.97 22.24
C PRO A 299 16.00 -2.56 21.77
N LYS A 300 16.83 -3.58 21.55
CA LYS A 300 18.20 -3.41 21.06
C LYS A 300 18.23 -2.91 19.61
N ILE A 301 18.97 -1.83 19.38
CA ILE A 301 19.19 -1.28 18.04
C ILE A 301 20.63 -1.57 17.63
N GLU A 302 20.81 -2.26 16.50
CA GLU A 302 22.16 -2.55 16.03
C GLU A 302 22.96 -1.26 15.85
N SER A 303 24.28 -1.42 15.91
CA SER A 303 25.21 -0.32 15.68
C SER A 303 26.09 -0.72 14.51
N LEU A 304 25.98 0.01 13.42
CA LEU A 304 26.76 -0.23 12.21
C LEU A 304 27.75 0.91 12.08
N ASN A 305 29.04 0.59 12.17
CA ASN A 305 30.08 1.59 12.03
C ASN A 305 31.22 0.96 11.24
N PRO A 306 31.10 0.91 9.91
CA PRO A 306 32.17 0.32 9.10
C PRO A 306 33.45 1.12 9.25
N SER A 307 34.57 0.41 9.38
CA SER A 307 35.87 1.09 9.42
C SER A 307 36.30 1.53 8.03
N LYS A 308 36.19 0.63 7.03
CA LYS A 308 36.53 0.98 5.66
C LYS A 308 35.68 2.16 5.18
N LYS A 309 36.34 3.13 4.56
CA LYS A 309 35.70 4.41 4.24
C LYS A 309 34.98 4.40 2.89
N LYS A 310 35.51 3.68 1.89
CA LYS A 310 34.89 3.70 0.58
C LYS A 310 35.11 2.39 -0.17
N ASN A 311 34.36 2.23 -1.25
CA ASN A 311 34.68 1.26 -2.30
C ASN A 311 34.41 1.94 -3.63
N ASN A 312 34.27 1.14 -4.68
CA ASN A 312 34.19 1.65 -6.04
C ASN A 312 32.77 1.96 -6.47
N PHE A 313 31.78 1.71 -5.63
CA PHE A 313 30.40 1.83 -6.04
C PHE A 313 30.01 3.30 -6.12
N ASN A 314 29.35 3.68 -7.22
CA ASN A 314 28.81 5.02 -7.38
C ASN A 314 27.42 5.09 -6.74
N MET A 315 27.34 5.73 -5.58
CA MET A 315 26.07 5.87 -4.88
C MET A 315 25.16 6.89 -5.54
N GLN A 316 25.62 7.58 -6.58
CA GLN A 316 24.78 8.53 -7.30
C GLN A 316 24.34 8.02 -8.67
N ASP A 317 24.66 6.77 -9.00
CA ASP A 317 24.25 6.18 -10.27
C ASP A 317 22.96 5.41 -10.06
N PRO A 318 21.82 5.88 -10.56
CA PRO A 318 20.57 5.15 -10.35
C PRO A 318 20.55 3.78 -11.01
N PHE A 319 21.22 3.63 -12.16
CA PHE A 319 21.21 2.33 -12.82
C PHE A 319 22.02 1.31 -12.01
N ALA A 320 23.11 1.75 -11.40
CA ALA A 320 23.91 0.85 -10.57
C ALA A 320 23.10 0.34 -9.39
N TRP A 321 22.28 1.20 -8.78
CA TRP A 321 21.45 0.76 -7.68
C TRP A 321 20.45 -0.30 -8.13
N GLN A 322 19.73 -0.04 -9.24
CA GLN A 322 18.74 -1.00 -9.71
C GLN A 322 19.37 -2.38 -9.90
N LYS A 323 20.59 -2.39 -10.44
CA LYS A 323 21.28 -3.63 -10.74
C LYS A 323 21.70 -4.37 -9.47
N ILE A 324 22.30 -3.64 -8.52
CA ILE A 324 22.74 -4.27 -7.28
C ILE A 324 21.54 -4.64 -6.42
N ASN A 325 20.43 -3.89 -6.52
CA ASN A 325 19.23 -4.26 -5.75
C ASN A 325 18.69 -5.60 -6.22
N LYS A 326 18.65 -5.80 -7.53
CA LYS A 326 18.16 -7.06 -8.08
C LYS A 326 19.02 -8.22 -7.60
N GLN A 327 20.34 -8.03 -7.56
CA GLN A 327 21.28 -9.02 -7.05
C GLN A 327 20.96 -9.37 -5.60
N ILE A 328 21.01 -8.36 -4.73
CA ILE A 328 20.73 -8.57 -3.31
C ILE A 328 19.43 -9.33 -3.12
N ARG A 329 18.38 -8.91 -3.84
CA ARG A 329 17.05 -9.50 -3.61
C ARG A 329 16.99 -10.94 -4.07
N ASP A 330 17.83 -11.33 -5.02
CA ASP A 330 17.84 -12.69 -5.56
C ASP A 330 19.00 -13.51 -5.01
N ALA A 331 19.79 -12.96 -4.09
CA ALA A 331 20.95 -13.67 -3.59
C ALA A 331 20.53 -14.73 -2.58
N ASN A 332 21.13 -15.90 -2.70
CA ASN A 332 20.99 -16.93 -1.68
C ASN A 332 21.66 -16.46 -0.38
N ALA A 333 21.47 -17.23 0.69
CA ALA A 333 22.10 -16.89 1.97
C ALA A 333 23.61 -16.75 1.85
N SER A 334 24.24 -17.48 0.92
CA SER A 334 25.69 -17.39 0.76
C SER A 334 26.12 -16.11 0.06
N GLN A 335 25.42 -15.70 -1.01
CA GLN A 335 25.89 -14.55 -1.79
C GLN A 335 25.70 -13.24 -1.04
N LEU A 336 24.69 -13.18 -0.16
CA LEU A 336 24.57 -12.03 0.73
C LEU A 336 25.86 -11.79 1.49
N ASP A 337 26.55 -12.86 1.89
CA ASP A 337 27.78 -12.71 2.66
C ASP A 337 28.84 -11.99 1.87
N VAL A 338 29.00 -12.33 0.60
CA VAL A 338 30.00 -11.65 -0.23
C VAL A 338 29.62 -10.19 -0.40
N LEU A 339 28.34 -9.92 -0.62
CA LEU A 339 27.87 -8.55 -0.84
C LEU A 339 28.02 -7.73 0.44
N ALA A 340 27.61 -8.29 1.57
CA ALA A 340 27.76 -7.61 2.85
C ALA A 340 29.18 -7.14 3.06
N LYS A 341 30.17 -8.01 2.80
CA LYS A 341 31.56 -7.63 2.95
C LYS A 341 31.95 -6.52 1.97
N GLU A 342 31.50 -6.64 0.71
CA GLU A 342 31.91 -5.67 -0.31
C GLU A 342 31.38 -4.28 0.01
N PHE A 343 30.19 -4.19 0.58
CA PHE A 343 29.52 -2.91 0.81
C PHE A 343 29.61 -2.46 2.27
N ASP A 344 30.45 -3.13 3.08
CA ASP A 344 30.71 -2.76 4.47
C ASP A 344 31.67 -1.58 4.51
N THR A 345 31.20 -0.44 4.00
CA THR A 345 31.96 0.80 4.01
C THR A 345 31.07 1.94 4.48
N GLN A 346 31.71 3.05 4.83
CA GLN A 346 30.98 4.27 5.18
C GLN A 346 30.16 4.80 4.02
N GLU A 347 30.77 4.96 2.84
CA GLU A 347 30.01 5.57 1.75
C GLU A 347 28.84 4.71 1.28
N THR A 348 28.94 3.37 1.39
CA THR A 348 27.84 2.50 1.02
C THR A 348 27.10 1.96 2.25
N LEU A 349 27.13 2.69 3.36
CA LEU A 349 26.36 2.29 4.55
C LEU A 349 24.90 1.95 4.25
N PRO A 350 24.15 2.74 3.48
CA PRO A 350 22.75 2.34 3.23
C PRO A 350 22.61 1.00 2.53
N ILE A 351 23.48 0.70 1.57
CA ILE A 351 23.45 -0.63 0.95
C ILE A 351 23.85 -1.70 1.97
N TYR A 352 24.86 -1.42 2.79
CA TYR A 352 25.28 -2.38 3.81
C TYR A 352 24.10 -2.77 4.69
N ALA A 353 23.43 -1.78 5.29
CA ALA A 353 22.31 -2.08 6.18
C ALA A 353 21.18 -2.77 5.42
N TYR A 354 20.99 -2.40 4.16
CA TYR A 354 20.00 -3.03 3.32
C TYR A 354 20.31 -4.52 3.18
N ILE A 355 21.57 -4.86 2.91
CA ILE A 355 21.96 -6.26 2.80
C ILE A 355 21.81 -6.98 4.14
N LEU A 356 22.29 -6.35 5.22
CA LEU A 356 22.19 -6.99 6.53
C LEU A 356 20.75 -7.26 6.92
N GLU A 357 19.83 -6.38 6.53
CA GLU A 357 18.45 -6.55 6.95
C GLU A 357 17.84 -7.80 6.31
N ARG A 358 18.26 -8.15 5.08
CA ARG A 358 17.84 -9.41 4.46
C ARG A 358 18.69 -10.58 4.94
N LYS A 359 20.01 -10.38 5.09
CA LYS A 359 20.89 -11.45 5.54
C LYS A 359 20.42 -12.04 6.86
N ASN A 360 19.98 -11.20 7.78
CA ASN A 360 19.56 -11.61 9.10
C ASN A 360 18.07 -11.86 9.17
N ASN A 361 17.47 -12.29 8.06
CA ASN A 361 16.06 -12.65 7.95
C ASN A 361 15.15 -11.73 8.75
N PHE A 362 15.52 -10.44 8.81
CA PHE A 362 14.69 -9.37 9.37
C PHE A 362 14.50 -9.48 10.88
N LYS A 363 15.45 -10.13 11.59
CA LYS A 363 15.37 -10.25 13.04
C LYS A 363 16.09 -9.14 13.80
N LYS A 364 16.96 -8.37 13.14
CA LYS A 364 17.71 -7.33 13.83
C LYS A 364 17.19 -5.95 13.42
N HIS A 365 17.30 -4.98 14.32
CA HIS A 365 16.74 -3.65 14.08
C HIS A 365 17.83 -2.66 13.64
N TYR A 366 17.80 -2.27 12.37
CA TYR A 366 18.80 -1.35 11.81
C TYR A 366 18.18 0.01 11.60
N PHE A 367 18.77 1.03 12.23
CA PHE A 367 18.27 2.39 12.23
C PHE A 367 19.49 3.31 12.01
N ILE A 368 19.98 3.34 10.78
CA ILE A 368 21.20 4.07 10.47
C ILE A 368 20.90 5.56 10.35
N MET A 369 21.94 6.40 10.36
CA MET A 369 21.79 7.84 10.20
C MET A 369 22.85 8.31 9.22
N PRO A 370 22.70 7.99 7.94
CA PRO A 370 23.74 8.34 6.98
C PRO A 370 23.65 9.79 6.55
N TYR A 371 24.79 10.31 6.07
CA TYR A 371 24.90 11.71 5.63
C TYR A 371 24.48 12.66 6.75
N TYR A 372 24.84 12.29 7.99
CA TYR A 372 24.30 12.93 9.17
C TYR A 372 24.71 14.40 9.28
N ASP A 373 25.84 14.80 8.67
CA ASP A 373 26.24 16.19 8.70
C ASP A 373 25.15 17.13 8.21
N ASN A 374 24.32 16.68 7.27
CA ASN A 374 23.34 17.57 6.69
C ASN A 374 22.18 17.86 7.63
N ILE A 375 21.99 17.07 8.69
CA ILE A 375 20.89 17.31 9.61
C ILE A 375 21.35 17.59 11.02
N LYS A 376 22.64 17.49 11.34
CA LYS A 376 23.07 17.55 12.72
C LYS A 376 22.76 18.88 13.39
N ASP A 377 22.51 19.93 12.59
CA ASP A 377 22.21 21.23 13.16
C ASP A 377 20.72 21.49 13.36
N TYR A 378 19.86 20.60 12.88
CA TYR A 378 18.45 20.66 13.26
C TYR A 378 18.29 20.15 14.69
N ASN A 379 17.21 20.56 15.33
CA ASN A 379 16.98 20.01 16.67
C ASN A 379 16.66 18.53 16.58
N LYS A 380 16.97 17.83 17.68
CA LYS A 380 16.89 16.37 17.74
C LYS A 380 15.55 15.84 17.27
N THR A 381 14.46 16.49 17.67
CA THR A 381 13.13 16.00 17.31
C THR A 381 12.92 16.05 15.81
N ARG A 382 13.36 17.15 15.17
CA ARG A 382 13.27 17.26 13.72
C ARG A 382 14.16 16.23 13.04
N GLN A 383 15.38 16.03 13.55
CA GLN A 383 16.26 14.99 13.03
C GLN A 383 15.54 13.65 12.99
N ALA A 384 14.87 13.30 14.09
CA ALA A 384 14.22 11.99 14.18
C ALA A 384 13.09 11.87 13.18
N LEU A 385 12.32 12.94 12.99
CA LEU A 385 11.23 12.90 12.02
C LEU A 385 11.74 12.73 10.60
N ILE A 386 12.78 13.49 10.25
CA ILE A 386 13.44 13.33 8.95
C ILE A 386 13.95 11.91 8.79
N LEU A 387 14.70 11.42 9.78
CA LEU A 387 15.25 10.07 9.68
C LEU A 387 14.14 9.02 9.61
N ALA A 388 13.05 9.25 10.35
CA ALA A 388 11.96 8.29 10.39
C ALA A 388 11.27 8.18 9.03
N ILE A 389 11.11 9.32 8.36
CA ILE A 389 10.52 9.35 7.03
C ILE A 389 11.45 8.69 6.02
N ALA A 390 12.74 9.09 6.04
CA ALA A 390 13.70 8.54 5.09
C ALA A 390 13.82 7.02 5.21
N ARG A 391 13.82 6.50 6.44
CA ARG A 391 13.93 5.06 6.64
C ARG A 391 12.80 4.32 5.92
N GLN A 392 11.56 4.79 6.11
CA GLN A 392 10.41 4.14 5.49
C GLN A 392 10.37 4.38 3.98
N GLU A 393 10.72 5.60 3.54
CA GLU A 393 10.56 5.97 2.13
C GLU A 393 11.56 5.23 1.24
N SER A 394 12.79 5.08 1.71
CA SER A 394 13.85 4.60 0.83
C SER A 394 14.86 3.68 1.46
N ARG A 395 14.82 3.44 2.78
CA ARG A 395 15.92 2.83 3.49
C ARG A 395 17.24 3.57 3.22
N PHE A 396 17.16 4.89 2.99
CA PHE A 396 18.31 5.77 2.78
C PHE A 396 19.06 5.52 1.48
N ILE A 397 18.46 4.84 0.51
CA ILE A 397 19.12 4.65 -0.79
C ILE A 397 19.05 5.96 -1.54
N PRO A 398 20.19 6.58 -1.86
CA PRO A 398 20.14 7.94 -2.43
C PRO A 398 19.44 8.01 -3.79
N THR A 399 19.58 7.01 -4.64
CA THR A 399 18.95 7.02 -5.96
C THR A 399 17.67 6.20 -6.02
N ALA A 400 16.98 6.06 -4.89
CA ALA A 400 15.73 5.31 -4.85
C ALA A 400 14.69 5.93 -5.77
N ILE A 401 13.97 5.07 -6.49
CA ILE A 401 12.91 5.48 -7.40
C ILE A 401 11.72 4.57 -7.18
N SER A 402 10.56 5.17 -6.88
CA SER A 402 9.35 4.39 -6.65
C SER A 402 8.64 4.11 -7.97
N VAL A 403 7.63 3.25 -7.91
CA VAL A 403 6.87 2.92 -9.12
C VAL A 403 6.18 4.15 -9.67
N SER A 404 6.03 5.21 -8.87
CA SER A 404 5.46 6.45 -9.34
C SER A 404 6.53 7.51 -9.59
N TYR A 405 7.79 7.09 -9.62
CA TYR A 405 8.96 7.91 -9.88
C TYR A 405 9.15 9.00 -8.83
N ALA A 406 8.75 8.71 -7.59
CA ALA A 406 9.26 9.48 -6.46
C ALA A 406 10.75 9.20 -6.32
N LEU A 407 11.52 10.22 -5.92
CA LEU A 407 12.97 10.26 -6.10
C LEU A 407 13.74 10.44 -4.79
N GLY A 408 14.81 9.68 -4.66
CA GLY A 408 15.81 9.92 -3.62
C GLY A 408 15.40 9.41 -2.23
N MET A 409 16.29 9.65 -1.28
CA MET A 409 16.11 9.27 0.14
C MET A 409 14.75 9.65 0.70
N MET A 410 14.26 10.84 0.36
CA MET A 410 13.00 11.33 0.91
C MET A 410 11.86 11.15 -0.06
N GLN A 411 12.10 10.55 -1.23
CA GLN A 411 11.05 10.13 -2.14
C GLN A 411 10.08 11.28 -2.46
N PHE A 412 10.66 12.34 -3.00
CA PHE A 412 9.87 13.47 -3.49
C PHE A 412 9.31 13.17 -4.88
N MET A 413 8.02 13.46 -5.05
CA MET A 413 7.45 13.48 -6.40
CA MET A 413 7.42 13.50 -6.39
C MET A 413 8.10 14.61 -7.19
N PRO A 414 8.34 14.40 -8.50
CA PRO A 414 8.97 15.46 -9.31
C PRO A 414 8.26 16.80 -9.24
N PHE A 415 6.94 16.83 -9.22
CA PHE A 415 6.22 18.10 -9.18
C PHE A 415 6.60 18.92 -7.96
N LEU A 416 6.52 18.32 -6.78
CA LEU A 416 6.87 19.04 -5.57
C LEU A 416 8.36 19.38 -5.54
N ALA A 417 9.20 18.45 -5.99
CA ALA A 417 10.63 18.69 -6.07
C ALA A 417 10.93 19.94 -6.90
N ASN A 418 10.26 20.09 -8.04
CA ASN A 418 10.55 21.25 -8.89
C ASN A 418 9.95 22.53 -8.31
N HIS A 419 8.77 22.44 -7.70
CA HIS A 419 8.20 23.61 -7.05
C HIS A 419 9.16 24.17 -6.00
N ILE A 420 9.65 23.31 -5.10
CA ILE A 420 10.57 23.77 -4.05
C ILE A 420 11.88 24.27 -4.66
N GLY A 421 12.49 23.46 -5.53
CA GLY A 421 13.82 23.76 -6.00
C GLY A 421 13.89 24.95 -6.94
N GLU A 422 12.86 25.14 -7.76
CA GLU A 422 12.81 26.19 -8.77
C GLU A 422 12.04 27.42 -8.31
N LYS A 423 10.79 27.25 -7.89
CA LYS A 423 10.00 28.41 -7.49
C LYS A 423 10.40 28.93 -6.11
N GLU A 424 10.49 28.05 -5.11
CA GLU A 424 10.71 28.51 -3.74
C GLU A 424 12.18 28.84 -3.50
N LEU A 425 13.04 27.84 -3.67
CA LEU A 425 14.45 28.03 -3.34
C LEU A 425 15.27 28.65 -4.45
N LYS A 426 14.75 28.66 -5.68
CA LYS A 426 15.41 29.26 -6.82
C LYS A 426 16.85 28.79 -6.97
N ILE A 427 17.08 27.50 -6.76
CA ILE A 427 18.42 26.93 -6.89
C ILE A 427 18.87 27.04 -8.34
N PRO A 428 20.04 27.63 -8.62
CA PRO A 428 20.49 27.76 -10.00
C PRO A 428 20.68 26.40 -10.66
N ASN A 429 20.18 26.29 -11.91
CA ASN A 429 20.31 25.07 -12.72
C ASN A 429 19.67 23.86 -12.04
N PHE A 430 18.67 24.08 -11.19
CA PHE A 430 18.02 22.97 -10.50
C PHE A 430 17.43 21.98 -11.50
N ASP A 431 17.63 20.70 -11.23
CA ASP A 431 16.94 19.63 -11.92
C ASP A 431 16.40 18.66 -10.88
N GLN A 432 15.21 18.10 -11.14
CA GLN A 432 14.60 17.16 -10.22
C GLN A 432 15.54 16.02 -9.81
N ASP A 433 16.54 15.67 -10.64
CA ASP A 433 17.48 14.63 -10.20
C ASP A 433 18.35 15.08 -9.02
N PHE A 434 18.36 16.38 -8.68
CA PHE A 434 19.06 16.80 -7.47
C PHE A 434 18.52 16.09 -6.23
N MET A 435 17.26 15.66 -6.25
CA MET A 435 16.71 14.83 -5.16
C MET A 435 17.52 13.58 -4.87
N PHE A 436 18.31 13.08 -5.82
CA PHE A 436 19.20 11.97 -5.52
C PHE A 436 20.39 12.37 -4.65
N LYS A 437 20.63 13.67 -4.46
CA LYS A 437 21.73 14.13 -3.61
C LYS A 437 21.27 14.17 -2.15
N PRO A 438 21.95 13.49 -1.23
CA PRO A 438 21.46 13.49 0.17
C PRO A 438 21.31 14.87 0.77
N GLU A 439 22.24 15.79 0.48
CA GLU A 439 22.10 17.11 1.09
C GLU A 439 20.85 17.81 0.57
N ILE A 440 20.46 17.54 -0.67
CA ILE A 440 19.23 18.12 -1.20
C ILE A 440 18.01 17.41 -0.63
N ALA A 441 18.04 16.07 -0.63
CA ALA A 441 16.92 15.31 -0.07
C ALA A 441 16.60 15.74 1.35
N TYR A 442 17.61 15.77 2.22
CA TYR A 442 17.38 16.16 3.62
C TYR A 442 16.91 17.61 3.72
N TYR A 443 17.49 18.49 2.92
CA TYR A 443 17.14 19.90 3.00
C TYR A 443 15.71 20.12 2.54
N PHE A 444 15.33 19.54 1.41
CA PHE A 444 13.94 19.65 0.97
C PHE A 444 13.00 18.95 1.96
N GLY A 445 13.42 17.80 2.48
CA GLY A 445 12.57 17.11 3.44
C GLY A 445 12.29 17.97 4.66
N ASN A 446 13.34 18.59 5.20
CA ASN A 446 13.13 19.49 6.33
C ASN A 446 12.19 20.62 5.95
N TYR A 447 12.39 21.20 4.76
CA TYR A 447 11.53 22.30 4.31
C TYR A 447 10.07 21.88 4.25
N HIS A 448 9.79 20.75 3.61
CA HIS A 448 8.40 20.30 3.50
C HIS A 448 7.84 19.88 4.85
N LEU A 449 8.65 19.19 5.67
CA LEU A 449 8.18 18.77 6.99
C LEU A 449 7.85 19.98 7.87
N ASN A 450 8.63 21.06 7.75
CA ASN A 450 8.27 22.33 8.40
C ASN A 450 6.88 22.78 8.00
N TYR A 451 6.59 22.79 6.71
CA TYR A 451 5.25 23.16 6.26
C TYR A 451 4.20 22.27 6.92
N LEU A 452 4.41 20.95 6.88
CA LEU A 452 3.37 20.04 7.34
C LEU A 452 3.20 20.13 8.86
N GLU A 453 4.32 20.17 9.59
CA GLU A 453 4.25 20.12 11.05
C GLU A 453 3.64 21.40 11.59
N SER A 454 3.95 22.53 10.96
CA SER A 454 3.35 23.79 11.37
C SER A 454 1.82 23.70 11.35
N ARG A 455 1.27 22.93 10.41
CA ARG A 455 -0.18 22.83 10.32
C ARG A 455 -0.77 21.66 11.09
N LEU A 456 0.00 20.58 11.28
CA LEU A 456 -0.57 19.34 11.80
C LEU A 456 -0.02 18.91 13.16
N LYS A 457 1.17 19.37 13.54
CA LYS A 457 1.72 19.16 14.89
C LYS A 457 2.18 17.73 15.14
N SER A 458 1.24 16.79 15.21
CA SER A 458 1.60 15.41 15.53
C SER A 458 2.49 14.80 14.44
N PRO A 459 3.56 14.10 14.81
CA PRO A 459 4.35 13.39 13.79
C PRO A 459 3.54 12.33 13.06
N LEU A 460 2.51 11.77 13.70
CA LEU A 460 1.71 10.79 12.98
C LEU A 460 0.93 11.47 11.86
N PHE A 461 0.31 12.61 12.17
CA PHE A 461 -0.45 13.33 11.14
C PHE A 461 0.48 13.84 10.06
N VAL A 462 1.67 14.31 10.44
CA VAL A 462 2.67 14.73 9.46
C VAL A 462 3.01 13.57 8.53
N ALA A 463 3.16 12.37 9.11
CA ALA A 463 3.46 11.20 8.28
C ALA A 463 2.34 10.91 7.31
N TYR A 464 1.08 10.91 7.78
CA TYR A 464 -0.04 10.71 6.87
C TYR A 464 -0.02 11.73 5.74
N ALA A 465 0.24 12.99 6.07
CA ALA A 465 0.24 14.07 5.07
C ALA A 465 1.44 13.97 4.14
N TYR A 466 2.60 13.52 4.65
CA TYR A 466 3.76 13.35 3.78
C TYR A 466 3.48 12.31 2.69
N ASN A 467 2.78 11.23 3.05
CA ASN A 467 2.58 10.16 2.08
C ASN A 467 1.30 10.39 1.28
N GLY A 468 0.26 10.91 1.89
CA GLY A 468 -1.04 10.99 1.24
C GLY A 468 -1.48 12.38 0.83
N GLY A 469 -0.72 13.40 1.21
CA GLY A 469 -1.06 14.81 1.00
C GLY A 469 -1.79 15.43 2.17
N ILE A 470 -1.58 16.74 2.34
CA ILE A 470 -2.23 17.42 3.46
C ILE A 470 -3.73 17.55 3.24
N GLY A 471 -4.19 17.49 1.99
CA GLY A 471 -5.62 17.61 1.72
C GLY A 471 -6.40 16.43 2.30
N PHE A 472 -6.00 15.21 1.95
CA PHE A 472 -6.65 14.03 2.51
C PHE A 472 -6.53 14.01 4.04
N THR A 473 -5.39 14.45 4.57
CA THR A 473 -5.21 14.43 6.02
C THR A 473 -6.15 15.43 6.70
N ASN A 474 -6.23 16.66 6.17
CA ASN A 474 -7.18 17.64 6.69
C ASN A 474 -8.61 17.12 6.58
N ARG A 475 -8.95 16.46 5.46
CA ARG A 475 -10.30 15.94 5.32
C ARG A 475 -10.59 14.86 6.35
N MET A 476 -9.65 13.93 6.53
CA MET A 476 -9.76 12.96 7.62
C MET A 476 -9.95 13.64 8.97
N LEU A 477 -9.08 14.60 9.30
CA LEU A 477 -9.13 15.18 10.64
C LEU A 477 -10.36 16.05 10.85
N ALA A 478 -11.03 16.46 9.77
CA ALA A 478 -12.25 17.24 9.89
C ALA A 478 -13.47 16.42 10.24
N ARG A 479 -13.40 15.09 10.07
CA ARG A 479 -14.54 14.23 10.36
C ARG A 479 -14.81 14.14 11.87
N ASN A 480 -16.08 13.96 12.20
CA ASN A 480 -16.50 13.83 13.59
C ASN A 480 -16.08 12.50 14.19
N ASP A 481 -15.75 11.51 13.37
CA ASP A 481 -15.53 10.14 13.84
C ASP A 481 -14.06 9.71 13.73
N MET A 482 -13.15 10.64 13.49
CA MET A 482 -11.71 10.36 13.36
C MET A 482 -10.90 11.17 14.35
N PHE A 483 -10.06 10.47 15.12
CA PHE A 483 -9.10 11.08 16.03
C PHE A 483 -9.76 12.06 16.99
N LYS A 484 -10.96 11.71 17.42
CA LYS A 484 -11.64 12.39 18.51
C LYS A 484 -11.57 11.53 19.76
N THR A 485 -12.23 11.99 20.82
CA THR A 485 -12.27 11.23 22.05
C THR A 485 -13.12 9.97 21.90
N GLY A 486 -12.74 8.91 22.62
CA GLY A 486 -13.44 7.65 22.50
C GLY A 486 -12.75 6.53 23.25
N LYS A 487 -13.55 5.52 23.61
CA LYS A 487 -13.10 4.36 24.38
C LYS A 487 -11.82 3.75 23.81
N PHE A 488 -11.79 3.51 22.50
CA PHE A 488 -10.66 2.82 21.89
C PHE A 488 -9.80 3.74 21.03
N GLU A 489 -9.88 5.06 21.28
CA GLU A 489 -9.13 6.03 20.53
C GLU A 489 -7.78 6.28 21.18
N PRO A 490 -6.78 6.72 20.41
CA PRO A 490 -6.80 7.00 18.97
C PRO A 490 -6.57 5.74 18.17
N PHE A 491 -6.43 4.58 18.82
CA PHE A 491 -6.05 3.37 18.10
C PHE A 491 -7.09 3.00 17.03
N LEU A 492 -8.37 3.14 17.36
CA LEU A 492 -9.39 2.77 16.38
C LEU A 492 -9.28 3.65 15.14
N SER A 493 -9.10 4.96 15.32
CA SER A 493 -8.98 5.88 14.18
C SER A 493 -7.83 5.48 13.27
N MET A 494 -6.70 5.07 13.87
CA MET A 494 -5.56 4.63 13.07
C MET A 494 -5.85 3.39 12.23
N GLU A 495 -6.85 2.57 12.61
CA GLU A 495 -7.29 1.45 11.78
C GLU A 495 -8.26 1.88 10.67
N LEU A 496 -8.80 3.08 10.72
CA LEU A 496 -9.85 3.51 9.80
C LEU A 496 -9.37 4.60 8.86
N VAL A 497 -8.07 4.87 8.83
CA VAL A 497 -7.46 5.81 7.91
C VAL A 497 -7.84 5.32 6.51
N PRO A 498 -8.52 6.13 5.69
CA PRO A 498 -9.23 5.54 4.53
C PRO A 498 -8.35 5.12 3.37
N TYR A 499 -7.04 5.36 3.38
CA TYR A 499 -6.16 4.83 2.34
C TYR A 499 -5.13 3.90 2.97
N GLN A 500 -5.13 2.65 2.49
CA GLN A 500 -4.33 1.60 3.08
C GLN A 500 -2.84 1.96 3.11
N GLU A 501 -2.32 2.54 2.02
CA GLU A 501 -0.90 2.87 2.00
C GLU A 501 -0.53 3.87 3.10
N SER A 502 -1.37 4.90 3.28
CA SER A 502 -1.13 5.90 4.32
C SER A 502 -1.38 5.33 5.72
N ARG A 503 -2.38 4.46 5.87
CA ARG A 503 -2.65 3.83 7.16
C ARG A 503 -1.43 3.05 7.66
N ILE A 504 -0.84 2.27 6.77
CA ILE A 504 0.35 1.47 7.10
C ILE A 504 1.55 2.38 7.30
N TYR A 505 1.70 3.39 6.44
CA TYR A 505 2.84 4.28 6.47
C TYR A 505 2.93 5.02 7.80
N GLY A 506 1.81 5.54 8.28
CA GLY A 506 1.83 6.26 9.55
C GLY A 506 2.30 5.41 10.71
N LYS A 507 1.83 4.16 10.79
CA LYS A 507 2.25 3.27 11.87
C LYS A 507 3.74 3.00 11.80
N LYS A 508 4.28 2.77 10.60
CA LYS A 508 5.71 2.48 10.49
C LYS A 508 6.55 3.71 10.77
N VAL A 509 6.18 4.87 10.22
CA VAL A 509 6.98 6.07 10.44
C VAL A 509 6.95 6.45 11.92
N LEU A 510 5.80 6.26 12.59
CA LEU A 510 5.72 6.59 14.01
C LEU A 510 6.65 5.73 14.84
N ALA A 511 6.69 4.43 14.58
CA ALA A 511 7.67 3.58 15.25
C ALA A 511 9.10 4.06 14.97
N ASN A 512 9.42 4.36 13.70
CA ASN A 512 10.77 4.83 13.41
C ASN A 512 11.09 6.09 14.20
N TYR A 513 10.14 7.01 14.27
CA TYR A 513 10.28 8.27 14.97
C TYR A 513 10.62 8.04 16.44
N ILE A 514 9.89 7.13 17.10
CA ILE A 514 10.16 6.80 18.48
C ILE A 514 11.59 6.29 18.64
N VAL A 515 12.00 5.37 17.77
CA VAL A 515 13.34 4.80 17.84
C VAL A 515 14.40 5.88 17.66
N TYR A 516 14.24 6.74 16.65
CA TYR A 516 15.29 7.71 16.36
C TYR A 516 15.38 8.74 17.47
N ARG A 517 14.24 9.15 18.02
CA ARG A 517 14.28 10.05 19.16
C ARG A 517 15.02 9.40 20.33
N HIS A 518 14.83 8.10 20.52
CA HIS A 518 15.56 7.38 21.55
C HIS A 518 17.05 7.36 21.25
N LEU A 519 17.43 6.97 20.03
CA LEU A 519 18.85 6.93 19.65
C LEU A 519 19.51 8.30 19.76
N LEU A 520 18.76 9.38 19.59
CA LEU A 520 19.34 10.72 19.63
C LEU A 520 19.37 11.31 21.04
N ASN A 521 19.11 10.48 22.06
CA ASN A 521 19.04 10.96 23.45
C ASN A 521 17.97 12.03 23.60
N ASP A 522 16.84 11.83 22.95
CA ASP A 522 15.76 12.79 23.06
C ASP A 522 14.45 12.01 23.17
N SER A 523 14.46 11.00 24.04
CA SER A 523 13.36 10.04 24.16
C SER A 523 12.04 10.73 24.41
N ILE A 524 10.98 10.16 23.85
CA ILE A 524 9.62 10.51 24.22
C ILE A 524 8.84 9.22 24.45
N LYS A 525 7.95 9.24 25.44
CA LYS A 525 7.08 8.09 25.63
C LYS A 525 6.03 8.06 24.53
N ILE A 526 5.83 6.87 23.94
CA ILE A 526 4.83 6.78 22.89
C ILE A 526 3.44 7.01 23.47
N SER A 527 3.25 6.81 24.77
CA SER A 527 1.97 7.17 25.37
C SER A 527 1.69 8.67 25.24
N ASP A 528 2.71 9.52 25.32
CA ASP A 528 2.50 10.95 25.09
C ASP A 528 2.05 11.21 23.66
N ILE A 529 2.65 10.50 22.70
CA ILE A 529 2.26 10.65 21.30
C ILE A 529 0.79 10.32 21.13
N PHE A 530 0.35 9.18 21.70
CA PHE A 530 -1.03 8.77 21.54
C PHE A 530 -1.97 9.77 22.21
N GLU A 531 -1.59 10.31 23.38
CA GLU A 531 -2.45 11.29 24.02
C GLU A 531 -2.67 12.50 23.13
N ASN A 532 -1.63 12.97 22.46
CA ASN A 532 -1.73 14.17 21.62
C ASN A 532 -2.50 13.92 20.33
N LEU A 533 -2.88 12.68 20.03
CA LEU A 533 -3.67 12.41 18.83
C LEU A 533 -5.15 12.72 19.02
N ILE A 534 -5.61 12.90 20.24
CA ILE A 534 -7.05 12.98 20.45
C ILE A 534 -7.61 14.38 20.22
C1 ZMB B . 9.98 -1.30 -2.59
C10 ZMB B . 8.03 5.04 -1.20
C11 ZMB B . 8.58 3.64 -1.40
C12 ZMB B . 10.42 3.02 -2.99
C13 ZMB B . 11.90 3.08 -3.22
C2 ZMB B . 11.00 -0.18 -0.77
C3 ZMB B . 10.79 0.38 0.64
C4 ZMB B . 11.85 1.45 0.90
C5 ZMB B . 9.38 0.89 0.90
C6 ZMB B . 8.47 2.87 -0.08
C7 ZMB B . 6.60 4.14 0.65
C8 ZMB B . 5.19 3.96 1.19
C9 ZMB B . 6.62 4.99 -0.62
N1 ZMB B . 9.95 3.64 -1.89
O1 ZMB B . 9.94 -0.88 -1.20
O2 ZMB B . 12.01 -0.02 -1.41
O3 ZMB B . 8.94 1.57 -0.28
O4 ZMB B . 7.12 2.84 0.36
O5 ZMB B . 5.18 3.20 2.39
O6 ZMB B . 6.16 6.30 -0.28
O7 ZMB B . 8.05 5.79 -2.42
O8 ZMB B . 9.67 2.43 -3.76
C1 CIT C . 24.99 -7.74 12.19
O1 CIT C . 24.22 -6.76 12.38
O2 CIT C . 24.62 -8.69 11.46
C2 CIT C . 26.36 -7.78 12.85
C3 CIT C . 26.95 -6.40 13.13
O7 CIT C . 25.98 -5.49 13.70
C4 CIT C . 27.52 -5.87 11.81
C5 CIT C . 28.31 -4.59 11.98
O3 CIT C . 28.30 -3.96 13.06
O4 CIT C . 28.96 -4.13 11.01
C6 CIT C . 28.08 -6.59 14.14
O5 CIT C . 27.91 -6.27 15.35
O6 CIT C . 29.16 -7.09 13.78
S DMS D . 6.82 13.73 -1.12
O DMS D . 6.64 14.30 -2.52
C1 DMS D . 5.90 14.76 0.05
C2 DMS D . 5.69 12.32 -1.13
S DMS E . -3.81 -5.00 8.84
O DMS E . -2.69 -5.34 7.91
C1 DMS E . -5.02 -6.31 8.58
C2 DMS E . -3.22 -5.27 10.54
S DMS F . -10.22 -19.95 7.66
O DMS F . -9.40 -20.27 8.90
C1 DMS F . -9.25 -19.19 6.32
C2 DMS F . -10.93 -21.45 6.90
#